data_4HFL
#
_entry.id   4HFL
#
_cell.length_a   84.283
_cell.length_b   84.283
_cell.length_c   43.452
_cell.angle_alpha   90.00
_cell.angle_beta   90.00
_cell.angle_gamma   120.00
#
_symmetry.space_group_name_H-M   'P 32 2 1'
#
loop_
_entity.id
_entity.type
_entity.pdbx_description
1 polymer 'Putative cytoplasmic protein'
2 water water
#
_entity_poly.entity_id   1
_entity_poly.type   'polypeptide(L)'
_entity_poly.pdbx_seq_one_letter_code
;HMASMTGGQQMGRMSHMRPAFGAAWNRFKEVNVNVEQVGKLLGGKVQHNIDAGIFKNACPIRMSYVLNYCGIPVPSNSKY
ATVTGSDKKRYMFRVKDMIAFLPTVLGKADISVSSPTPAQFAGKQGIIIFTGHGWLDATGHVTLWNGNICSDDCHFLGSP
GNGSFIPTNATFWSLK
;
_entity_poly.pdbx_strand_id   A
#
# COMPACT_ATOMS: atom_id res chain seq x y z
N MET A 14 -15.66 -18.87 -5.99
CA MET A 14 -14.47 -18.61 -6.81
C MET A 14 -13.40 -17.91 -5.97
N SER A 15 -12.15 -18.36 -6.12
CA SER A 15 -11.04 -17.72 -5.41
C SER A 15 -10.38 -16.69 -6.30
N HIS A 16 -9.85 -15.63 -5.69
CA HIS A 16 -9.20 -14.56 -6.45
C HIS A 16 -7.72 -14.89 -6.58
N MET A 17 -7.12 -14.58 -7.72
CA MET A 17 -5.66 -14.74 -7.86
C MET A 17 -4.99 -13.68 -7.01
N ARG A 18 -3.80 -13.97 -6.52
CA ARG A 18 -3.05 -12.98 -5.77
C ARG A 18 -1.63 -12.95 -6.33
N PRO A 19 -0.96 -11.81 -6.18
CA PRO A 19 0.44 -11.70 -6.66
C PRO A 19 1.36 -12.62 -5.86
N ALA A 20 2.39 -13.16 -6.51
CA ALA A 20 3.42 -13.93 -5.80
C ALA A 20 4.08 -13.01 -4.79
N PHE A 21 4.39 -13.54 -3.62
CA PHE A 21 5.00 -12.69 -2.60
C PHE A 21 6.35 -12.15 -3.09
N GLY A 22 7.12 -12.99 -3.77
CA GLY A 22 8.45 -12.60 -4.23
C GLY A 22 8.38 -11.42 -5.18
N ALA A 23 7.53 -11.51 -6.19
CA ALA A 23 7.37 -10.45 -7.18
C ALA A 23 6.92 -9.12 -6.56
N ALA A 24 5.94 -9.20 -5.66
CA ALA A 24 5.48 -8.02 -4.95
C ALA A 24 6.64 -7.41 -4.15
N TRP A 25 7.37 -8.25 -3.43
CA TRP A 25 8.49 -7.78 -2.61
C TRP A 25 9.56 -7.09 -3.46
N ASN A 26 9.81 -7.66 -4.63
CA ASN A 26 10.80 -7.13 -5.58
C ASN A 26 10.42 -5.77 -6.17
N ARG A 27 9.18 -5.67 -6.65
CA ARG A 27 8.71 -4.36 -7.15
C ARG A 27 8.72 -3.29 -6.03
N PHE A 28 8.25 -3.69 -4.86
CA PHE A 28 8.24 -2.76 -3.72
C PHE A 28 9.66 -2.27 -3.44
N LYS A 29 10.60 -3.20 -3.39
CA LYS A 29 12.01 -2.84 -3.20
C LYS A 29 12.37 -1.78 -4.22
N GLU A 30 11.95 -1.99 -5.47
CA GLU A 30 12.23 -0.96 -6.50
C GLU A 30 11.69 0.42 -6.13
N VAL A 31 10.54 0.49 -5.46
CA VAL A 31 10.10 1.85 -5.02
C VAL A 31 10.23 2.23 -3.53
N ASN A 32 11.08 1.55 -2.77
CA ASN A 32 11.20 1.83 -1.33
C ASN A 32 12.10 3.03 -1.04
N VAL A 33 11.74 4.18 -1.59
CA VAL A 33 12.43 5.43 -1.26
C VAL A 33 11.40 6.47 -0.84
N ASN A 34 11.88 7.62 -0.33
CA ASN A 34 10.98 8.70 0.06
C ASN A 34 10.15 9.23 -1.13
N VAL A 35 9.06 9.92 -0.80
CA VAL A 35 8.07 10.36 -1.81
C VAL A 35 8.67 11.12 -3.00
N GLU A 36 9.56 12.06 -2.72
CA GLU A 36 10.12 12.89 -3.79
C GLU A 36 11.01 12.06 -4.72
N GLN A 37 11.73 11.10 -4.15
CA GLN A 37 12.51 10.13 -4.92
C GLN A 37 11.61 9.18 -5.73
N VAL A 38 10.45 8.84 -5.15
CA VAL A 38 9.43 8.03 -5.82
C VAL A 38 8.90 8.76 -7.06
N GLY A 39 8.67 10.06 -6.95
CA GLY A 39 8.24 10.85 -8.10
C GLY A 39 9.36 10.96 -9.11
N LYS A 40 10.54 11.31 -8.62
CA LYS A 40 11.74 11.40 -9.42
C LYS A 40 12.05 10.11 -10.17
N LEU A 41 11.45 9.00 -9.73
CA LEU A 41 11.61 7.71 -10.40
C LEU A 41 10.48 7.39 -11.37
N LEU A 42 9.24 7.51 -10.89
CA LEU A 42 8.07 7.11 -11.67
C LEU A 42 7.74 8.11 -12.77
N GLY A 43 8.37 9.29 -12.71
CA GLY A 43 8.20 10.32 -13.71
C GLY A 43 6.78 10.83 -13.89
N GLY A 44 6.55 11.62 -14.94
CA GLY A 44 5.22 12.03 -15.36
C GLY A 44 4.41 12.87 -14.38
N LYS A 45 3.09 12.67 -14.39
CA LYS A 45 2.19 13.43 -13.53
C LYS A 45 2.35 13.07 -12.05
N VAL A 46 2.79 11.85 -11.77
CA VAL A 46 3.13 11.48 -10.40
C VAL A 46 4.27 12.37 -9.88
N GLN A 47 5.33 12.50 -10.66
CA GLN A 47 6.47 13.36 -10.28
C GLN A 47 6.05 14.82 -10.20
N HIS A 48 5.26 15.26 -11.17
CA HIS A 48 4.75 16.63 -11.17
C HIS A 48 3.97 16.95 -9.89
N ASN A 49 3.01 16.10 -9.54
CA ASN A 49 2.18 16.36 -8.36
C ASN A 49 2.98 16.20 -7.06
N ILE A 50 3.94 15.29 -7.06
CA ILE A 50 4.87 15.20 -5.93
C ILE A 50 5.70 16.49 -5.73
N ASP A 51 6.24 17.03 -6.83
CA ASP A 51 7.05 18.26 -6.80
C ASP A 51 6.22 19.49 -6.44
N ALA A 52 4.93 19.47 -6.80
CA ALA A 52 4.04 20.59 -6.48
C ALA A 52 3.66 20.61 -5.00
N GLY A 53 3.65 19.43 -4.39
CA GLY A 53 3.24 19.28 -3.01
C GLY A 53 1.79 18.81 -2.90
N ILE A 54 1.23 18.38 -4.02
CA ILE A 54 -0.15 17.88 -4.04
C ILE A 54 -0.23 16.43 -3.57
N PHE A 55 0.73 15.61 -3.99
CA PHE A 55 0.88 14.24 -3.45
C PHE A 55 1.97 14.27 -2.39
N LYS A 56 1.62 13.97 -1.14
CA LYS A 56 2.60 13.96 -0.06
C LYS A 56 2.79 12.56 0.55
N ASN A 57 1.93 11.63 0.16
CA ASN A 57 2.02 10.26 0.65
C ASN A 57 2.52 9.29 -0.44
N ALA A 58 3.71 8.73 -0.21
CA ALA A 58 4.33 7.81 -1.15
C ALA A 58 3.61 6.47 -1.16
N CYS A 59 2.96 6.14 -0.04
CA CYS A 59 2.42 4.79 0.19
C CYS A 59 1.45 4.24 -0.89
N PRO A 60 0.37 4.98 -1.22
CA PRO A 60 -0.55 4.46 -2.24
C PRO A 60 0.06 4.43 -3.64
N ILE A 61 1.05 5.28 -3.90
CA ILE A 61 1.71 5.32 -5.20
C ILE A 61 2.64 4.10 -5.34
N ARG A 62 3.40 3.83 -4.29
CA ARG A 62 4.22 2.62 -4.19
C ARG A 62 3.36 1.40 -4.45
N MET A 63 2.28 1.28 -3.67
CA MET A 63 1.42 0.09 -3.79
C MET A 63 0.75 -0.02 -5.15
N SER A 64 0.46 1.13 -5.77
CA SER A 64 -0.07 1.15 -7.14
C SER A 64 0.97 0.61 -8.10
N TYR A 65 2.24 0.98 -7.90
CA TYR A 65 3.32 0.45 -8.77
C TYR A 65 3.43 -1.08 -8.60
N VAL A 66 3.42 -1.53 -7.34
CA VAL A 66 3.48 -2.98 -7.07
C VAL A 66 2.35 -3.72 -7.76
N LEU A 67 1.12 -3.27 -7.55
CA LEU A 67 -0.04 -3.93 -8.16
C LEU A 67 0.03 -3.89 -9.68
N ASN A 68 0.41 -2.76 -10.25
CA ASN A 68 0.46 -2.60 -11.71
C ASN A 68 1.44 -3.57 -12.32
N TYR A 69 2.59 -3.73 -11.67
CA TYR A 69 3.62 -4.57 -12.29
C TYR A 69 3.56 -6.04 -11.88
N CYS A 70 2.62 -6.37 -10.99
CA CYS A 70 2.36 -7.75 -10.62
C CYS A 70 1.09 -8.27 -11.30
N GLY A 71 0.52 -7.48 -12.20
CA GLY A 71 -0.57 -7.94 -13.03
C GLY A 71 -1.96 -7.65 -12.47
N ILE A 72 -2.06 -6.67 -11.58
CA ILE A 72 -3.33 -6.11 -11.15
C ILE A 72 -3.33 -4.64 -11.57
N PRO A 73 -3.89 -4.36 -12.75
CA PRO A 73 -3.81 -2.99 -13.26
C PRO A 73 -4.74 -2.07 -12.49
N VAL A 74 -4.24 -0.95 -11.97
CA VAL A 74 -5.09 0.02 -11.26
C VAL A 74 -6.13 0.56 -12.25
N PRO A 75 -7.42 0.43 -11.90
CA PRO A 75 -8.52 0.67 -12.85
C PRO A 75 -8.80 2.16 -13.06
N SER A 76 -9.61 2.48 -14.08
CA SER A 76 -10.11 3.84 -14.26
C SER A 76 -11.55 3.86 -13.73
N ASN A 77 -11.71 4.31 -12.50
CA ASN A 77 -12.96 4.14 -11.78
C ASN A 77 -13.22 5.37 -10.92
N SER A 78 -14.49 5.72 -10.74
CA SER A 78 -14.85 6.90 -9.95
C SER A 78 -14.57 6.72 -8.47
N LYS A 79 -14.37 5.47 -8.04
CA LYS A 79 -14.11 5.19 -6.62
C LYS A 79 -12.68 5.51 -6.21
N TYR A 80 -11.78 5.59 -7.18
CA TYR A 80 -10.36 5.71 -6.90
C TYR A 80 -9.71 6.86 -7.64
N ALA A 81 -9.07 7.77 -6.89
CA ALA A 81 -8.38 8.91 -7.50
C ALA A 81 -7.07 8.44 -8.11
N THR A 82 -6.91 8.67 -9.41
CA THR A 82 -5.73 8.18 -10.11
C THR A 82 -5.15 9.23 -11.04
N VAL A 83 -3.83 9.26 -11.16
CA VAL A 83 -3.21 9.95 -12.29
C VAL A 83 -2.39 8.92 -13.06
N THR A 84 -1.55 9.38 -13.98
CA THR A 84 -0.66 8.48 -14.73
C THR A 84 0.80 8.79 -14.44
N GLY A 85 1.66 7.78 -14.56
CA GLY A 85 3.08 8.01 -14.56
C GLY A 85 3.51 8.06 -16.01
N SER A 86 4.82 8.20 -16.26
CA SER A 86 5.30 8.28 -17.63
C SER A 86 5.19 6.93 -18.33
N ASP A 87 4.68 5.93 -17.61
CA ASP A 87 4.49 4.60 -18.17
C ASP A 87 3.07 4.39 -18.68
N LYS A 88 2.21 5.40 -18.48
CA LYS A 88 0.81 5.40 -18.93
C LYS A 88 -0.06 4.47 -18.08
N LYS A 89 0.50 4.00 -16.97
CA LYS A 89 -0.27 3.22 -16.01
C LYS A 89 -0.85 4.14 -14.93
N ARG A 90 -1.95 3.71 -14.30
CA ARG A 90 -2.63 4.53 -13.31
C ARG A 90 -2.12 4.34 -11.88
N TYR A 91 -2.01 5.45 -11.16
CA TYR A 91 -1.49 5.45 -9.80
C TYR A 91 -2.44 6.17 -8.86
N MET A 92 -2.85 5.49 -7.79
CA MET A 92 -3.65 6.11 -6.74
C MET A 92 -2.72 6.91 -5.84
N PHE A 93 -3.22 7.99 -5.24
CA PHE A 93 -2.39 8.85 -4.42
C PHE A 93 -3.06 9.13 -3.05
N ARG A 94 -4.22 8.52 -2.81
CA ARG A 94 -4.90 8.54 -1.50
C ARG A 94 -4.91 7.15 -0.87
N VAL A 95 -4.43 7.06 0.37
CA VAL A 95 -4.29 5.75 0.99
C VAL A 95 -5.65 5.06 1.24
N LYS A 96 -6.68 5.86 1.50
CA LYS A 96 -8.02 5.31 1.73
C LYS A 96 -8.54 4.59 0.48
N ASP A 97 -8.14 5.09 -0.69
CA ASP A 97 -8.53 4.49 -1.96
C ASP A 97 -7.83 3.15 -2.19
N MET A 98 -6.55 3.08 -1.84
CA MET A 98 -5.81 1.83 -1.98
C MET A 98 -6.40 0.79 -1.03
N ILE A 99 -6.66 1.25 0.20
CA ILE A 99 -7.25 0.42 1.24
C ILE A 99 -8.60 -0.15 0.80
N ALA A 100 -9.45 0.68 0.20
CA ALA A 100 -10.74 0.22 -0.33
C ALA A 100 -10.56 -0.71 -1.54
N PHE A 101 -9.56 -0.42 -2.36
CA PHE A 101 -9.34 -1.17 -3.60
C PHE A 101 -8.92 -2.61 -3.34
N LEU A 102 -8.03 -2.81 -2.38
CA LEU A 102 -7.46 -4.15 -2.16
C LEU A 102 -8.45 -5.33 -2.04
N PRO A 103 -9.50 -5.21 -1.19
CA PRO A 103 -10.38 -6.38 -1.12
C PRO A 103 -11.17 -6.65 -2.42
N THR A 104 -11.38 -5.62 -3.24
CA THR A 104 -12.14 -5.81 -4.47
C THR A 104 -11.39 -6.66 -5.48
N VAL A 105 -10.07 -6.77 -5.30
CA VAL A 105 -9.26 -7.59 -6.22
C VAL A 105 -8.64 -8.83 -5.58
N LEU A 106 -8.42 -8.80 -4.27
CA LEU A 106 -7.84 -9.94 -3.56
C LEU A 106 -8.88 -10.81 -2.85
N GLY A 107 -10.10 -10.30 -2.70
CA GLY A 107 -11.11 -10.98 -1.91
C GLY A 107 -11.02 -10.54 -0.46
N LYS A 108 -11.85 -11.12 0.41
CA LYS A 108 -11.81 -10.75 1.81
C LYS A 108 -10.44 -11.09 2.43
N ALA A 109 -9.98 -10.23 3.32
CA ALA A 109 -8.73 -10.44 4.05
C ALA A 109 -8.73 -11.74 4.83
N ASP A 110 -7.55 -12.35 4.91
CA ASP A 110 -7.36 -13.54 5.70
C ASP A 110 -7.41 -13.21 7.18
N ILE A 111 -6.91 -12.03 7.54
CA ILE A 111 -6.89 -11.65 8.95
C ILE A 111 -7.22 -10.17 9.06
N SER A 112 -8.09 -9.82 10.00
CA SER A 112 -8.31 -8.42 10.36
C SER A 112 -8.52 -8.39 11.87
N VAL A 113 -7.63 -7.70 12.58
CA VAL A 113 -7.68 -7.67 14.05
C VAL A 113 -7.55 -6.26 14.60
N SER A 114 -8.25 -6.01 15.70
CA SER A 114 -8.10 -4.75 16.41
C SER A 114 -6.82 -4.82 17.23
N SER A 115 -6.33 -3.68 17.68
CA SER A 115 -5.11 -3.61 18.49
C SER A 115 -4.01 -4.53 17.97
N PRO A 116 -3.49 -4.25 16.77
CA PRO A 116 -2.59 -5.16 16.06
C PRO A 116 -1.16 -5.26 16.61
N THR A 117 -0.69 -6.50 16.77
CA THR A 117 0.67 -6.79 17.22
C THR A 117 1.29 -7.82 16.28
N PRO A 118 2.65 -7.88 16.21
CA PRO A 118 3.29 -8.81 15.26
C PRO A 118 3.04 -10.29 15.55
N ALA A 119 2.82 -10.66 16.82
CA ALA A 119 2.50 -12.04 17.19
C ALA A 119 1.30 -12.61 16.39
N GLN A 120 0.34 -11.76 16.08
CA GLN A 120 -0.84 -12.19 15.31
C GLN A 120 -0.49 -12.54 13.86
N PHE A 121 0.72 -12.19 13.41
CA PHE A 121 1.12 -12.45 12.02
C PHE A 121 2.39 -13.28 11.90
N ALA A 122 2.72 -14.00 12.97
CA ALA A 122 3.91 -14.86 12.98
C ALA A 122 3.72 -15.96 11.95
N GLY A 123 4.79 -16.27 11.22
CA GLY A 123 4.74 -17.32 10.21
C GLY A 123 3.84 -17.01 9.02
N LYS A 124 3.53 -15.73 8.81
CA LYS A 124 2.73 -15.31 7.66
C LYS A 124 3.57 -14.38 6.77
N GLN A 125 3.20 -14.27 5.50
CA GLN A 125 3.82 -13.31 4.59
C GLN A 125 2.75 -12.81 3.62
N GLY A 126 2.75 -11.51 3.33
CA GLY A 126 1.78 -10.98 2.40
C GLY A 126 1.62 -9.47 2.46
N ILE A 127 0.44 -9.00 2.05
CA ILE A 127 0.13 -7.58 2.05
C ILE A 127 -0.57 -7.22 3.36
N ILE A 128 -0.15 -6.13 3.99
CA ILE A 128 -0.75 -5.74 5.27
C ILE A 128 -1.13 -4.26 5.29
N ILE A 129 -2.32 -3.96 5.83
CA ILE A 129 -2.80 -2.59 5.99
C ILE A 129 -2.96 -2.28 7.48
N PHE A 130 -2.31 -1.22 7.94
CA PHE A 130 -2.44 -0.76 9.31
C PHE A 130 -3.28 0.51 9.29
N THR A 131 -4.39 0.55 10.03
CA THR A 131 -5.14 1.81 10.09
C THR A 131 -5.21 2.29 11.51
N GLY A 132 -5.47 3.58 11.68
CA GLY A 132 -5.56 4.15 13.01
C GLY A 132 -5.86 5.63 12.94
N HIS A 133 -5.33 6.40 13.88
N HIS A 133 -5.28 6.38 13.86
CA HIS A 133 -5.56 7.83 13.83
CA HIS A 133 -5.58 7.80 13.99
C HIS A 133 -4.36 8.61 14.33
C HIS A 133 -4.33 8.60 14.35
N GLY A 134 -4.26 9.85 13.89
CA GLY A 134 -3.24 10.75 14.37
C GLY A 134 -3.92 11.64 15.38
N TRP A 135 -3.42 12.85 15.56
CA TRP A 135 -4.10 13.77 16.45
C TRP A 135 -5.39 14.32 15.87
N LEU A 136 -5.54 14.34 14.55
CA LEU A 136 -6.73 14.97 13.97
C LEU A 136 -7.56 14.08 13.06
N ASP A 137 -6.92 13.20 12.32
CA ASP A 137 -7.67 12.40 11.35
C ASP A 137 -7.29 10.93 11.43
N ALA A 138 -8.21 10.08 10.97
CA ALA A 138 -7.94 8.68 10.73
C ALA A 138 -6.98 8.59 9.56
N THR A 139 -6.10 7.59 9.59
CA THR A 139 -5.21 7.36 8.44
C THR A 139 -4.76 5.93 8.43
N GLY A 140 -3.82 5.62 7.54
CA GLY A 140 -3.40 4.24 7.38
C GLY A 140 -2.09 4.11 6.66
N HIS A 141 -1.59 2.88 6.60
CA HIS A 141 -0.36 2.58 5.88
C HIS A 141 -0.46 1.18 5.29
N VAL A 142 -0.12 1.06 4.01
CA VAL A 142 -0.20 -0.23 3.35
C VAL A 142 1.22 -0.65 2.99
N THR A 143 1.58 -1.90 3.28
CA THR A 143 2.96 -2.34 3.04
C THR A 143 2.98 -3.85 2.87
N LEU A 144 4.19 -4.42 2.83
CA LEU A 144 4.32 -5.88 2.76
C LEU A 144 4.96 -6.36 4.05
N TRP A 145 4.61 -7.58 4.47
CA TRP A 145 5.11 -8.19 5.70
C TRP A 145 5.67 -9.56 5.35
N ASN A 146 6.88 -9.87 5.80
CA ASN A 146 7.54 -11.12 5.40
C ASN A 146 7.59 -12.16 6.51
N GLY A 147 6.94 -11.87 7.64
CA GLY A 147 6.96 -12.78 8.77
C GLY A 147 7.81 -12.25 9.90
N ASN A 148 8.57 -11.19 9.61
CA ASN A 148 9.49 -10.61 10.61
C ASN A 148 9.63 -9.09 10.47
N ILE A 149 9.67 -8.62 9.23
CA ILE A 149 9.77 -7.18 8.96
C ILE A 149 8.73 -6.73 7.93
N CYS A 150 8.49 -5.42 7.88
CA CYS A 150 7.74 -4.83 6.78
C CYS A 150 8.70 -4.31 5.73
N SER A 151 8.22 -4.18 4.48
CA SER A 151 9.07 -3.73 3.38
C SER A 151 9.46 -2.27 3.54
N ASP A 152 8.71 -1.51 4.34
CA ASP A 152 9.16 -0.18 4.70
C ASP A 152 9.08 0.08 6.22
N ASP A 153 7.88 0.30 6.73
CA ASP A 153 7.69 0.42 8.17
C ASP A 153 6.42 -0.28 8.61
N CYS A 154 6.50 -1.03 9.71
CA CYS A 154 5.30 -1.60 10.32
C CYS A 154 4.67 -0.62 11.29
N HIS A 155 3.37 -0.77 11.50
CA HIS A 155 2.65 0.08 12.45
C HIS A 155 1.87 -0.78 13.42
N PHE A 156 2.61 -1.57 14.20
CA PHE A 156 2.03 -2.36 15.27
C PHE A 156 1.91 -1.49 16.50
N LEU A 157 1.26 -1.99 17.54
CA LEU A 157 1.13 -1.25 18.80
C LEU A 157 2.49 -0.93 19.41
N ASN A 162 5.98 5.39 13.76
CA ASN A 162 4.58 5.81 13.80
C ASN A 162 4.45 7.32 13.96
N GLY A 163 5.55 7.96 14.34
CA GLY A 163 5.48 9.32 14.82
C GLY A 163 4.49 9.35 15.97
N SER A 164 3.32 9.93 15.73
CA SER A 164 2.25 9.99 16.72
C SER A 164 0.99 9.23 16.28
N PHE A 165 1.17 8.21 15.41
CA PHE A 165 0.03 7.48 14.83
C PHE A 165 -0.38 6.24 15.63
N ILE A 166 -1.59 6.24 16.15
CA ILE A 166 -2.09 5.15 16.99
C ILE A 166 -2.84 4.18 16.11
N PRO A 167 -2.31 2.95 15.98
CA PRO A 167 -2.91 1.89 15.17
C PRO A 167 -4.06 1.18 15.91
N THR A 168 -5.15 0.92 15.22
CA THR A 168 -6.32 0.29 15.83
C THR A 168 -6.78 -0.97 15.11
N ASN A 169 -6.24 -1.22 13.91
CA ASN A 169 -6.56 -2.41 13.15
C ASN A 169 -5.38 -2.79 12.27
N ALA A 170 -5.23 -4.09 12.00
CA ALA A 170 -4.35 -4.54 10.91
C ALA A 170 -5.17 -5.54 10.12
N THR A 171 -5.05 -5.44 8.80
CA THR A 171 -5.80 -6.25 7.86
C THR A 171 -4.77 -6.79 6.86
N PHE A 172 -4.85 -8.09 6.58
CA PHE A 172 -3.76 -8.83 5.98
C PHE A 172 -4.24 -9.91 5.02
N TRP A 173 -3.56 -9.98 3.86
CA TRP A 173 -3.73 -11.07 2.87
C TRP A 173 -2.42 -11.82 2.69
N SER A 174 -2.48 -13.15 2.77
CA SER A 174 -1.31 -13.98 2.49
C SER A 174 -0.96 -13.94 1.02
N LEU A 175 0.34 -13.87 0.73
CA LEU A 175 0.82 -14.05 -0.64
C LEU A 175 1.76 -15.24 -0.68
N LYS A 176 1.63 -16.06 -1.73
CA LYS A 176 2.58 -17.15 -1.97
C LYS A 176 3.73 -16.67 -2.85
#